data_3GKH
#
_entry.id   3GKH
#
_cell.length_a   66.181
_cell.length_b   66.181
_cell.length_c   82.644
_cell.angle_alpha   90.00
_cell.angle_beta   90.00
_cell.angle_gamma   120.00
#
_symmetry.space_group_name_H-M   'P 64'
#
loop_
_entity.id
_entity.type
_entity.pdbx_description
1 polymer 'Niemann-Pick C1 protein'
2 branched 2-acetamido-2-deoxy-beta-D-glucopyranose-(1-4)-2-acetamido-2-deoxy-beta-D-glucopyranose
3 non-polymer 2-acetamido-2-deoxy-beta-D-glucopyranose
4 non-polymer GLYCEROL
5 water water
#
_entity_poly.entity_id   1
_entity_poly.type   'polypeptide(L)'
_entity_poly.pdbx_seq_one_letter_code
;GAQSCVWYGECGIAYGDKRYNCEYSGPPKPLPKDGYDLVQELCPGFFFGQVSLCCDVRQLQTLKDNLQLPLQFLSRCPSC
FYNLLNLFCELTCSPRQSQFLQVTATEDYVDPVTNQTKTNVKELQYYVGQSFANAMYNACRDVEAPSSNDKALGLLCGKD
ADACQATNWIEYMFNKDNGQAPFTITPVFSDFPVHGMEPMNNATKGCDESVDEVTAPCSCQDCSIVCGPKPQ
;
_entity_poly.pdbx_strand_id   A
#
# COMPACT_ATOMS: atom_id res chain seq x y z
N GLN A 3 12.75 13.77 -9.52
CA GLN A 3 12.04 12.79 -8.65
C GLN A 3 12.98 12.32 -7.55
N SER A 4 12.41 12.02 -6.39
CA SER A 4 13.21 11.54 -5.27
C SER A 4 12.52 10.50 -4.38
N CYS A 5 13.32 9.59 -3.88
CA CYS A 5 12.87 8.50 -3.00
C CYS A 5 13.05 8.88 -1.54
N VAL A 6 12.44 8.11 -0.64
CA VAL A 6 12.73 8.16 0.81
C VAL A 6 13.33 6.82 1.28
N TRP A 7 13.13 5.76 0.50
CA TRP A 7 13.75 4.46 0.76
C TRP A 7 14.10 3.68 -0.50
N TYR A 8 14.88 2.62 -0.31
CA TYR A 8 15.21 1.67 -1.37
C TYR A 8 15.80 0.36 -0.79
N GLY A 9 15.09 -0.74 -1.00
CA GLY A 9 15.56 -2.05 -0.55
C GLY A 9 15.22 -2.32 0.90
N GLU A 10 15.50 -3.55 1.36
CA GLU A 10 15.20 -3.90 2.77
C GLU A 10 16.44 -3.92 3.63
N CYS A 11 16.24 -3.58 4.90
CA CYS A 11 17.31 -3.50 5.88
C CYS A 11 17.07 -4.48 7.05
N GLY A 12 17.01 -4.01 8.28
CA GLY A 12 16.98 -4.91 9.43
C GLY A 12 15.63 -5.50 9.79
N ILE A 13 15.63 -6.50 10.68
CA ILE A 13 14.38 -7.05 11.21
C ILE A 13 13.66 -6.05 12.14
N ALA A 14 12.34 -5.94 11.95
CA ALA A 14 11.48 -5.20 12.84
C ALA A 14 10.99 -6.13 13.95
N TYR A 15 10.24 -7.15 13.55
CA TYR A 15 9.78 -8.22 14.44
C TYR A 15 9.34 -9.42 13.59
N GLY A 16 9.30 -10.62 14.18
CA GLY A 16 8.96 -11.83 13.43
C GLY A 16 9.79 -11.95 12.17
N ASP A 17 9.13 -12.19 11.03
CA ASP A 17 9.88 -12.26 9.76
C ASP A 17 9.87 -10.92 9.01
N LYS A 18 9.48 -9.86 9.71
CA LYS A 18 9.22 -8.56 9.09
C LYS A 18 10.40 -7.60 9.13
N ARG A 19 10.55 -6.82 8.07
CA ARG A 19 11.70 -5.95 7.94
C ARG A 19 11.34 -4.48 7.77
N TYR A 20 12.25 -3.63 8.22
CA TYR A 20 12.28 -2.24 7.81
C TYR A 20 12.91 -2.10 6.44
N ASN A 21 12.57 -1.02 5.74
CA ASN A 21 13.27 -0.62 4.53
C ASN A 21 14.49 0.31 4.84
N CYS A 22 15.46 0.35 3.92
CA CYS A 22 16.68 1.15 4.09
C CYS A 22 16.42 2.58 3.67
N GLU A 23 16.81 3.54 4.50
CA GLU A 23 16.67 4.92 4.09
C GLU A 23 17.51 5.24 2.83
N TYR A 24 16.94 6.00 1.91
CA TYR A 24 17.59 6.41 0.66
C TYR A 24 16.89 7.64 0.10
N SER A 25 17.67 8.69 -0.19
CA SER A 25 17.07 9.94 -0.64
C SER A 25 17.46 10.36 -2.06
N GLY A 26 17.96 9.41 -2.85
CA GLY A 26 18.37 9.71 -4.20
C GLY A 26 17.22 9.48 -5.17
N PRO A 27 17.53 9.50 -6.47
CA PRO A 27 16.53 9.33 -7.50
C PRO A 27 16.08 7.88 -7.61
N PRO A 28 14.93 7.63 -8.25
CA PRO A 28 14.49 6.25 -8.41
C PRO A 28 15.42 5.51 -9.39
N LYS A 29 15.40 4.19 -9.32
CA LYS A 29 16.34 3.37 -10.07
C LYS A 29 15.60 2.41 -10.98
N PRO A 30 16.11 2.21 -12.21
CA PRO A 30 15.44 1.26 -13.08
C PRO A 30 15.43 -0.13 -12.47
N LEU A 31 14.25 -0.75 -12.49
CA LEU A 31 14.07 -2.06 -11.88
C LEU A 31 14.75 -3.14 -12.72
N PRO A 32 15.44 -4.08 -12.07
CA PRO A 32 15.99 -5.20 -12.82
C PRO A 32 14.90 -6.03 -13.51
N LYS A 33 15.27 -6.68 -14.60
CA LYS A 33 14.30 -7.45 -15.38
C LYS A 33 13.70 -8.59 -14.59
N ASP A 34 14.45 -9.11 -13.62
CA ASP A 34 13.95 -10.24 -12.84
C ASP A 34 12.76 -9.87 -11.95
N GLY A 35 12.50 -8.56 -11.82
CA GLY A 35 11.34 -8.04 -11.08
C GLY A 35 10.15 -7.69 -11.96
N TYR A 36 10.29 -7.80 -13.28
CA TYR A 36 9.20 -7.36 -14.17
C TYR A 36 7.88 -8.12 -13.95
N ASP A 37 7.95 -9.42 -13.71
CA ASP A 37 6.75 -10.22 -13.43
C ASP A 37 6.02 -9.69 -12.20
N LEU A 38 6.76 -9.34 -11.16
CA LEU A 38 6.16 -8.83 -9.93
C LEU A 38 5.54 -7.47 -10.16
N VAL A 39 6.24 -6.60 -10.86
CA VAL A 39 5.70 -5.26 -11.07
C VAL A 39 4.45 -5.30 -11.96
N GLN A 40 4.42 -6.20 -12.94
CA GLN A 40 3.24 -6.42 -13.75
C GLN A 40 2.05 -6.91 -12.95
N GLU A 41 2.29 -7.82 -12.02
CA GLU A 41 1.23 -8.39 -11.20
C GLU A 41 0.64 -7.42 -10.17
N LEU A 42 1.52 -6.65 -9.55
CA LEU A 42 1.14 -5.84 -8.40
C LEU A 42 0.85 -4.38 -8.77
N CYS A 43 1.69 -3.81 -9.63
CA CYS A 43 1.69 -2.37 -9.89
C CYS A 43 1.90 -2.10 -11.39
N PRO A 44 1.00 -2.64 -12.25
CA PRO A 44 1.16 -2.51 -13.70
C PRO A 44 1.19 -1.07 -14.18
N GLY A 45 0.58 -0.16 -13.42
CA GLY A 45 0.64 1.26 -13.71
C GLY A 45 2.05 1.84 -13.79
N PHE A 46 3.00 1.19 -13.11
CA PHE A 46 4.41 1.63 -13.14
C PHE A 46 5.22 0.91 -14.21
N PHE A 47 4.60 -0.04 -14.91
CA PHE A 47 5.34 -0.90 -15.86
C PHE A 47 5.45 -0.29 -17.26
N PHE A 48 6.31 0.72 -17.38
CA PHE A 48 6.56 1.40 -18.65
C PHE A 48 7.94 2.06 -18.59
N GLY A 49 8.50 2.37 -19.74
CA GLY A 49 9.81 3.04 -19.83
C GLY A 49 10.92 2.24 -19.18
N GLN A 50 11.78 2.91 -18.43
CA GLN A 50 12.86 2.22 -17.72
C GLN A 50 12.42 1.52 -16.44
N VAL A 51 11.13 1.61 -16.10
CA VAL A 51 10.59 1.06 -14.86
C VAL A 51 11.43 1.55 -13.66
N SER A 52 11.66 2.86 -13.61
CA SER A 52 12.44 3.50 -12.55
C SER A 52 11.57 3.71 -11.32
N LEU A 53 11.93 3.04 -10.24
CA LEU A 53 11.11 3.02 -9.02
C LEU A 53 11.92 3.25 -7.77
N CYS A 54 11.23 3.57 -6.68
CA CYS A 54 11.86 3.71 -5.39
C CYS A 54 11.75 2.39 -4.57
N CYS A 55 11.57 1.27 -5.29
CA CYS A 55 11.60 -0.07 -4.67
C CYS A 55 12.44 -1.04 -5.47
N ASP A 56 12.98 -2.05 -4.77
CA ASP A 56 13.73 -3.12 -5.43
C ASP A 56 12.91 -4.41 -5.49
N VAL A 57 13.48 -5.47 -6.07
CA VAL A 57 12.75 -6.75 -6.23
C VAL A 57 12.34 -7.34 -4.89
N ARG A 58 13.25 -7.29 -3.91
CA ARG A 58 12.92 -7.75 -2.58
C ARG A 58 11.65 -7.12 -2.00
N GLN A 59 11.52 -5.78 -2.12
CA GLN A 59 10.37 -5.09 -1.58
C GLN A 59 9.10 -5.50 -2.31
N LEU A 60 9.20 -5.74 -3.62
CA LEU A 60 8.01 -6.18 -4.35
C LEU A 60 7.56 -7.57 -3.89
N GLN A 61 8.53 -8.47 -3.72
CA GLN A 61 8.24 -9.81 -3.19
C GLN A 61 7.58 -9.75 -1.81
N THR A 62 8.11 -8.89 -0.95
CA THR A 62 7.56 -8.72 0.39
C THR A 62 6.13 -8.15 0.30
N LEU A 63 5.92 -7.17 -0.57
CA LEU A 63 4.57 -6.60 -0.75
C LEU A 63 3.55 -7.69 -1.14
N LYS A 64 3.93 -8.54 -2.09
CA LYS A 64 3.10 -9.68 -2.52
C LYS A 64 2.74 -10.58 -1.33
N ASP A 65 3.74 -10.99 -0.55
CA ASP A 65 3.48 -11.74 0.69
C ASP A 65 2.57 -11.01 1.67
N ASN A 66 2.79 -9.72 1.87
CA ASN A 66 2.03 -8.97 2.88
C ASN A 66 0.57 -8.68 2.52
N LEU A 67 0.24 -8.86 1.24
CA LEU A 67 -1.09 -8.59 0.71
C LEU A 67 -2.00 -9.82 0.82
N GLN A 68 -1.48 -10.92 1.35
CA GLN A 68 -2.24 -12.16 1.48
C GLN A 68 -3.53 -12.01 2.28
N LEU A 69 -3.49 -11.27 3.37
CA LEU A 69 -4.72 -11.17 4.19
C LEU A 69 -5.78 -10.24 3.59
N PRO A 70 -5.36 -9.06 3.07
CA PRO A 70 -6.40 -8.32 2.33
C PRO A 70 -6.99 -9.14 1.21
N LEU A 71 -6.18 -9.95 0.55
CA LEU A 71 -6.69 -10.79 -0.52
C LEU A 71 -7.71 -11.81 0.01
N GLN A 72 -7.39 -12.38 1.18
CA GLN A 72 -8.27 -13.34 1.88
C GLN A 72 -9.71 -12.84 1.96
N PHE A 73 -9.86 -11.53 2.19
CA PHE A 73 -11.18 -10.99 2.44
C PHE A 73 -11.78 -10.17 1.29
N LEU A 74 -10.93 -9.63 0.43
CA LEU A 74 -11.37 -8.69 -0.64
C LEU A 74 -11.26 -9.19 -2.08
N SER A 75 -10.72 -10.39 -2.25
CA SER A 75 -10.39 -10.92 -3.59
C SER A 75 -11.58 -11.04 -4.52
N ARG A 76 -12.76 -11.24 -3.94
CA ARG A 76 -13.93 -11.47 -4.79
C ARG A 76 -14.44 -10.16 -5.44
N CYS A 77 -13.99 -9.00 -4.94
CA CYS A 77 -14.34 -7.68 -5.55
C CYS A 77 -13.07 -7.00 -6.10
N PRO A 78 -12.74 -7.27 -7.37
CA PRO A 78 -11.44 -6.79 -7.89
C PRO A 78 -11.25 -5.27 -7.83
N SER A 79 -12.30 -4.49 -8.03
CA SER A 79 -12.18 -3.02 -7.93
C SER A 79 -11.78 -2.56 -6.52
N CYS A 80 -12.41 -3.17 -5.51
CA CYS A 80 -12.07 -2.88 -4.12
C CYS A 80 -10.59 -3.20 -3.85
N PHE A 81 -10.15 -4.39 -4.26
CA PHE A 81 -8.77 -4.78 -4.02
C PHE A 81 -7.77 -3.92 -4.81
N TYR A 82 -8.17 -3.50 -6.00
CA TYR A 82 -7.33 -2.69 -6.89
C TYR A 82 -6.88 -1.34 -6.27
N ASN A 83 -7.82 -0.59 -5.69
CA ASN A 83 -7.43 0.70 -5.06
C ASN A 83 -6.52 0.47 -3.87
N LEU A 84 -6.78 -0.62 -3.15
CA LEU A 84 -5.91 -0.95 -2.01
C LEU A 84 -4.51 -1.30 -2.46
N LEU A 85 -4.39 -2.09 -3.52
CA LEU A 85 -3.09 -2.37 -4.11
C LEU A 85 -2.38 -1.07 -4.49
N ASN A 86 -3.11 -0.13 -5.09
CA ASN A 86 -2.49 1.13 -5.53
C ASN A 86 -1.99 1.98 -4.35
N LEU A 87 -2.74 1.99 -3.26
CA LEU A 87 -2.29 2.64 -2.04
C LEU A 87 -0.93 2.09 -1.63
N PHE A 88 -0.81 0.77 -1.59
CA PHE A 88 0.47 0.16 -1.25
C PHE A 88 1.56 0.28 -2.30
N CYS A 89 1.20 0.20 -3.57
CA CYS A 89 2.15 0.38 -4.70
C CYS A 89 2.79 1.76 -4.68
N GLU A 90 2.00 2.79 -4.43
CA GLU A 90 2.52 4.16 -4.40
C GLU A 90 3.48 4.36 -3.24
N LEU A 91 3.08 3.84 -2.09
CA LEU A 91 3.91 3.89 -0.88
C LEU A 91 5.24 3.17 -1.11
N THR A 92 5.15 1.99 -1.71
CA THR A 92 6.28 1.10 -1.81
C THR A 92 7.28 1.57 -2.87
N CYS A 93 6.75 1.97 -4.02
CA CYS A 93 7.55 2.09 -5.26
C CYS A 93 7.55 3.42 -6.00
N SER A 94 6.66 4.34 -5.65
CA SER A 94 6.45 5.51 -6.53
C SER A 94 7.75 6.28 -6.74
N PRO A 95 8.08 6.64 -7.99
CA PRO A 95 9.27 7.46 -8.22
C PRO A 95 9.14 8.88 -7.67
N ARG A 96 7.95 9.26 -7.23
CA ARG A 96 7.84 10.55 -6.54
C ARG A 96 7.44 10.47 -5.08
N GLN A 97 7.92 9.42 -4.41
CA GLN A 97 7.68 9.19 -2.97
C GLN A 97 7.86 10.41 -2.10
N SER A 98 8.91 11.18 -2.37
CA SER A 98 9.29 12.30 -1.52
C SER A 98 8.21 13.40 -1.49
N GLN A 99 7.31 13.39 -2.47
CA GLN A 99 6.24 14.39 -2.51
C GLN A 99 5.18 14.08 -1.46
N PHE A 100 5.06 12.81 -1.08
CA PHE A 100 3.98 12.41 -0.17
C PHE A 100 4.40 11.54 1.03
N LEU A 101 5.69 11.26 1.16
CA LEU A 101 6.18 10.52 2.34
C LEU A 101 7.22 11.35 3.05
N GLN A 102 7.24 11.23 4.38
CA GLN A 102 8.18 11.96 5.21
C GLN A 102 8.67 11.00 6.28
N VAL A 103 9.97 10.69 6.27
CA VAL A 103 10.52 9.77 7.28
C VAL A 103 10.49 10.51 8.64
N THR A 104 10.01 9.83 9.67
CA THR A 104 9.86 10.44 10.99
C THR A 104 10.69 9.76 12.10
N ALA A 105 11.18 8.53 11.86
CA ALA A 105 12.04 7.82 12.81
C ALA A 105 12.95 6.84 12.10
N THR A 106 14.21 6.79 12.56
CA THR A 106 15.20 5.90 11.97
C THR A 106 16.04 5.25 13.06
N GLU A 107 16.74 4.17 12.72
CA GLU A 107 17.76 3.60 13.60
C GLU A 107 18.83 2.93 12.74
N ASP A 108 20.04 2.80 13.27
CA ASP A 108 21.12 2.28 12.42
C ASP A 108 20.98 0.79 12.12
N TYR A 109 21.42 0.41 10.91
CA TYR A 109 21.48 -1.00 10.49
C TYR A 109 22.94 -1.34 10.21
N VAL A 110 23.43 -2.42 10.81
CA VAL A 110 24.81 -2.83 10.58
C VAL A 110 24.86 -4.10 9.76
N ASP A 111 25.53 -4.02 8.61
CA ASP A 111 25.77 -5.19 7.77
C ASP A 111 26.68 -6.11 8.56
N PRO A 112 26.20 -7.33 8.86
CA PRO A 112 26.95 -8.28 9.68
C PRO A 112 28.32 -8.68 9.11
N VAL A 113 28.46 -8.70 7.78
CA VAL A 113 29.72 -9.14 7.13
C VAL A 113 30.70 -7.99 6.85
N THR A 114 30.19 -6.91 6.27
CA THR A 114 31.03 -5.77 5.89
C THR A 114 31.10 -4.74 7.00
N ASN A 115 30.23 -4.88 7.99
CA ASN A 115 30.06 -3.93 9.09
C ASN A 115 29.79 -2.48 8.66
N GLN A 116 29.40 -2.29 7.39
CA GLN A 116 28.96 -0.98 6.92
C GLN A 116 27.59 -0.66 7.53
N THR A 117 27.40 0.60 7.91
CA THR A 117 26.18 1.05 8.57
C THR A 117 25.19 1.58 7.55
N LYS A 118 23.98 1.05 7.59
CA LYS A 118 22.86 1.66 6.88
C LYS A 118 21.80 2.10 7.90
N THR A 119 20.64 2.51 7.42
CA THR A 119 19.67 3.15 8.27
C THR A 119 18.29 2.55 8.02
N ASN A 120 17.66 2.02 9.08
CA ASN A 120 16.28 1.52 9.02
C ASN A 120 15.32 2.69 9.05
N VAL A 121 14.32 2.67 8.18
CA VAL A 121 13.22 3.61 8.32
C VAL A 121 12.26 2.98 9.32
N LYS A 122 12.20 3.55 10.53
CA LYS A 122 11.40 2.96 11.60
C LYS A 122 9.93 3.37 11.55
N GLU A 123 9.69 4.59 11.08
CA GLU A 123 8.34 5.13 10.95
C GLU A 123 8.35 6.24 9.92
N LEU A 124 7.25 6.41 9.22
CA LEU A 124 7.09 7.55 8.33
C LEU A 124 5.64 8.02 8.27
N GLN A 125 5.45 9.21 7.72
CA GLN A 125 4.11 9.79 7.62
C GLN A 125 3.75 9.73 6.13
N TYR A 126 2.52 9.34 5.79
CA TYR A 126 2.08 9.18 4.39
C TYR A 126 0.90 10.12 4.16
N TYR A 127 1.10 11.11 3.27
CA TYR A 127 0.06 12.06 2.90
C TYR A 127 -0.83 11.43 1.81
N VAL A 128 -2.04 11.07 2.21
CA VAL A 128 -2.98 10.31 1.37
C VAL A 128 -4.14 11.24 1.03
N GLY A 129 -4.53 11.27 -0.23
CA GLY A 129 -5.67 12.06 -0.66
C GLY A 129 -6.92 11.70 0.11
N GLN A 130 -7.67 12.72 0.53
CA GLN A 130 -8.93 12.48 1.21
C GLN A 130 -9.92 11.78 0.24
N SER A 131 -9.92 12.22 -1.01
CA SER A 131 -10.78 11.64 -2.03
C SER A 131 -10.34 10.23 -2.34
N PHE A 132 -9.02 10.02 -2.41
CA PHE A 132 -8.53 8.65 -2.57
C PHE A 132 -9.03 7.73 -1.46
N ALA A 133 -8.85 8.15 -0.20
CA ALA A 133 -9.22 7.29 0.92
C ALA A 133 -10.71 6.98 0.95
N ASN A 134 -11.54 8.00 0.68
CA ASN A 134 -12.99 7.85 0.64
C ASN A 134 -13.42 6.90 -0.48
N ALA A 135 -12.76 7.02 -1.63
CA ALA A 135 -13.12 6.16 -2.77
C ALA A 135 -12.71 4.70 -2.52
N MET A 136 -11.54 4.53 -1.92
CA MET A 136 -11.07 3.19 -1.50
C MET A 136 -12.07 2.50 -0.56
N TYR A 137 -12.55 3.26 0.43
CA TYR A 137 -13.54 2.71 1.36
C TYR A 137 -14.84 2.43 0.63
N ASN A 138 -15.29 3.40 -0.17
CA ASN A 138 -16.56 3.25 -0.93
C ASN A 138 -16.59 1.98 -1.77
N ALA A 139 -15.48 1.69 -2.45
CA ALA A 139 -15.41 0.51 -3.31
C ALA A 139 -15.44 -0.79 -2.50
N CYS A 140 -15.06 -0.74 -1.22
CA CYS A 140 -14.92 -1.94 -0.40
C CYS A 140 -15.99 -2.14 0.67
N ARG A 141 -16.77 -1.11 0.95
CA ARG A 141 -17.65 -1.14 2.11
C ARG A 141 -18.80 -2.14 2.10
N ASP A 142 -19.20 -2.63 0.92
CA ASP A 142 -20.29 -3.60 0.82
C ASP A 142 -19.77 -5.01 0.58
N VAL A 143 -18.46 -5.18 0.50
CA VAL A 143 -17.88 -6.52 0.26
C VAL A 143 -18.22 -7.43 1.43
N GLU A 144 -18.78 -8.60 1.12
CA GLU A 144 -19.10 -9.57 2.14
C GLU A 144 -17.87 -10.45 2.39
N ALA A 145 -17.64 -10.83 3.64
CA ALA A 145 -16.71 -11.91 3.91
C ALA A 145 -17.22 -13.16 3.18
N PRO A 146 -16.33 -13.88 2.45
CA PRO A 146 -16.77 -15.06 1.66
C PRO A 146 -17.60 -16.02 2.51
N SER A 147 -18.60 -16.63 1.88
CA SER A 147 -19.61 -17.47 2.54
C SER A 147 -20.06 -16.94 3.91
N SER A 148 -20.44 -15.66 3.96
CA SER A 148 -21.02 -15.02 5.15
C SER A 148 -21.99 -13.88 4.76
N ASN A 149 -22.62 -13.30 5.77
CA ASN A 149 -23.45 -12.09 5.65
C ASN A 149 -22.91 -10.93 6.50
N ASP A 150 -21.59 -10.93 6.72
CA ASP A 150 -20.92 -9.86 7.43
C ASP A 150 -20.03 -9.15 6.43
N LYS A 151 -19.66 -7.92 6.75
CA LYS A 151 -18.85 -7.14 5.83
C LYS A 151 -17.40 -7.45 6.02
N ALA A 152 -16.68 -7.59 4.92
CA ALA A 152 -15.24 -7.90 4.91
C ALA A 152 -14.39 -6.92 5.71
N LEU A 153 -14.76 -5.63 5.66
CA LEU A 153 -13.99 -4.62 6.41
C LEU A 153 -13.94 -4.87 7.92
N GLY A 154 -14.94 -5.55 8.47
CA GLY A 154 -14.96 -5.94 9.90
C GLY A 154 -13.86 -6.92 10.29
N LEU A 155 -13.15 -7.44 9.29
CA LEU A 155 -12.02 -8.36 9.52
C LEU A 155 -10.65 -7.74 9.21
N LEU A 156 -10.67 -6.57 8.58
CA LEU A 156 -9.43 -5.89 8.22
C LEU A 156 -9.25 -4.52 8.89
N CYS A 157 -10.16 -4.18 9.81
CA CYS A 157 -10.22 -2.83 10.38
C CYS A 157 -9.91 -2.79 11.86
N GLY A 158 -9.69 -3.96 12.47
CA GLY A 158 -9.44 -4.04 13.91
C GLY A 158 -10.62 -3.61 14.77
N LYS A 159 -11.81 -3.70 14.20
CA LYS A 159 -13.07 -3.31 14.82
C LYS A 159 -14.19 -3.80 13.90
N ASP A 160 -15.41 -3.88 14.44
CA ASP A 160 -16.58 -4.29 13.66
C ASP A 160 -16.88 -3.32 12.50
N ALA A 161 -17.56 -3.83 11.48
CA ALA A 161 -17.75 -3.02 10.27
C ALA A 161 -18.54 -1.73 10.55
N ASP A 162 -19.43 -1.76 11.53
CA ASP A 162 -20.25 -0.56 11.87
C ASP A 162 -19.43 0.58 12.51
N ALA A 163 -18.21 0.26 12.89
CA ALA A 163 -17.29 1.24 13.49
C ALA A 163 -16.20 1.65 12.50
N CYS A 164 -16.06 0.86 11.45
CA CYS A 164 -15.00 1.08 10.46
C CYS A 164 -15.32 2.24 9.53
N GLN A 165 -14.37 3.17 9.37
CA GLN A 165 -14.52 4.30 8.44
C GLN A 165 -13.27 4.42 7.60
N ALA A 166 -13.31 5.23 6.55
CA ALA A 166 -12.18 5.28 5.60
C ALA A 166 -10.84 5.51 6.27
N THR A 167 -10.77 6.50 7.16
CA THR A 167 -9.46 6.91 7.68
C THR A 167 -8.99 5.96 8.78
N ASN A 168 -9.94 5.42 9.56
CA ASN A 168 -9.50 4.51 10.61
C ASN A 168 -9.12 3.15 10.05
N TRP A 169 -9.69 2.78 8.90
CA TRP A 169 -9.29 1.54 8.20
C TRP A 169 -7.79 1.63 7.76
N ILE A 170 -7.45 2.73 7.10
CA ILE A 170 -6.11 2.93 6.62
C ILE A 170 -5.14 3.06 7.82
N GLU A 171 -5.52 3.87 8.82
CA GLU A 171 -4.70 3.96 10.04
C GLU A 171 -4.41 2.56 10.66
N TYR A 172 -5.43 1.71 10.78
CA TYR A 172 -5.24 0.34 11.30
C TYR A 172 -4.31 -0.54 10.48
N MET A 173 -4.51 -0.56 9.16
CA MET A 173 -3.71 -1.39 8.28
C MET A 173 -2.25 -1.00 8.36
N PHE A 174 -2.02 0.29 8.62
CA PHE A 174 -0.67 0.84 8.67
C PHE A 174 -0.01 0.77 10.05
N ASN A 175 -0.68 0.17 11.03
CA ASN A 175 -0.21 0.17 12.42
C ASN A 175 0.43 -1.19 12.73
N LYS A 176 1.73 -1.21 13.05
CA LYS A 176 2.43 -2.47 13.25
C LYS A 176 1.84 -3.24 14.41
N ASP A 177 1.09 -2.55 15.28
CA ASP A 177 0.42 -3.21 16.41
C ASP A 177 -0.55 -4.28 15.90
N ASN A 178 -0.89 -4.24 14.61
CA ASN A 178 -1.78 -5.25 14.00
C ASN A 178 -1.13 -6.61 13.74
N GLY A 179 0.19 -6.72 13.94
CA GLY A 179 0.88 -8.01 13.82
C GLY A 179 1.25 -8.39 12.40
N GLN A 180 0.84 -7.55 11.45
CA GLN A 180 1.06 -7.80 10.02
C GLN A 180 1.96 -6.76 9.36
N ALA A 181 1.65 -5.50 9.60
CA ALA A 181 2.47 -4.40 9.12
C ALA A 181 3.84 -4.48 9.77
N PRO A 182 4.90 -4.44 8.96
CA PRO A 182 6.25 -4.57 9.51
C PRO A 182 6.67 -3.36 10.36
N PHE A 183 6.10 -2.18 10.08
CA PHE A 183 6.46 -0.94 10.76
C PHE A 183 5.29 0.03 10.61
N THR A 184 5.22 1.01 11.49
CA THR A 184 4.03 1.90 11.45
C THR A 184 4.18 3.03 10.44
N ILE A 185 3.08 3.31 9.73
CA ILE A 185 2.98 4.45 8.82
C ILE A 185 1.85 5.29 9.42
N THR A 186 2.09 6.57 9.62
CA THR A 186 1.06 7.44 10.20
C THR A 186 0.43 8.21 9.04
N PRO A 187 -0.85 7.97 8.74
CA PRO A 187 -1.48 8.66 7.61
C PRO A 187 -2.00 10.08 7.92
N VAL A 188 -1.89 10.96 6.94
CA VAL A 188 -2.42 12.33 7.01
C VAL A 188 -3.33 12.47 5.77
N PHE A 189 -4.61 12.80 5.97
CA PHE A 189 -5.57 12.82 4.86
C PHE A 189 -5.90 14.24 4.43
N SER A 190 -5.68 14.55 3.16
CA SER A 190 -5.94 15.90 2.66
C SER A 190 -6.05 15.84 1.15
N ASP A 191 -6.99 16.61 0.60
CA ASP A 191 -7.05 16.81 -0.86
C ASP A 191 -6.24 18.03 -1.28
N PHE A 192 -5.53 18.64 -0.33
CA PHE A 192 -4.80 19.87 -0.59
C PHE A 192 -3.36 19.67 -0.17
N PRO A 193 -2.39 20.37 -0.80
CA PRO A 193 -1.03 20.25 -0.26
C PRO A 193 -0.92 20.67 1.21
N VAL A 194 0.06 20.11 1.89
CA VAL A 194 0.28 20.37 3.30
C VAL A 194 1.74 20.70 3.50
N HIS A 195 2.05 21.95 3.81
CA HIS A 195 3.45 22.37 3.98
C HIS A 195 4.36 21.86 2.83
N GLY A 196 3.91 22.00 1.59
CA GLY A 196 4.73 21.59 0.44
C GLY A 196 4.58 20.12 0.03
N MET A 197 3.98 19.29 0.88
CA MET A 197 3.71 17.89 0.51
C MET A 197 2.43 17.80 -0.33
N GLU A 198 2.49 17.01 -1.39
CA GLU A 198 1.40 16.86 -2.33
C GLU A 198 0.81 15.48 -2.14
N PRO A 199 -0.37 15.40 -1.52
CA PRO A 199 -0.91 14.06 -1.20
C PRO A 199 -1.15 13.15 -2.40
N MET A 200 -0.99 11.86 -2.15
CA MET A 200 -1.18 10.83 -3.16
C MET A 200 -2.67 10.76 -3.45
N ASN A 201 -3.05 11.11 -4.68
CA ASN A 201 -4.48 11.17 -5.01
C ASN A 201 -4.73 10.49 -6.37
N ASN A 202 -4.17 9.29 -6.51
CA ASN A 202 -4.37 8.52 -7.73
C ASN A 202 -5.84 8.29 -8.08
N ALA A 203 -6.12 8.14 -9.36
CA ALA A 203 -7.44 7.76 -9.83
C ALA A 203 -7.85 6.44 -9.21
N THR A 204 -9.15 6.28 -8.94
CA THR A 204 -9.69 5.04 -8.33
C THR A 204 -10.81 4.46 -9.19
N LYS A 205 -11.13 3.19 -8.93
CA LYS A 205 -12.23 2.51 -9.62
C LYS A 205 -13.31 2.12 -8.61
N GLY A 206 -14.57 2.43 -8.92
CA GLY A 206 -15.67 2.03 -8.05
C GLY A 206 -15.94 0.54 -8.21
N CYS A 207 -16.73 -0.05 -7.31
CA CYS A 207 -17.01 -1.49 -7.40
C CYS A 207 -17.95 -1.83 -8.56
N ASP A 208 -18.54 -0.82 -9.16
CA ASP A 208 -19.40 -1.02 -10.34
C ASP A 208 -18.64 -0.94 -11.68
N GLU A 209 -17.32 -0.74 -11.60
CA GLU A 209 -16.48 -0.58 -12.79
C GLU A 209 -15.52 -1.75 -12.94
N SER A 210 -15.18 -2.07 -14.19
CA SER A 210 -14.17 -3.07 -14.49
C SER A 210 -12.79 -2.51 -14.23
N VAL A 211 -11.92 -3.31 -13.64
CA VAL A 211 -10.53 -2.90 -13.44
C VAL A 211 -9.85 -2.75 -14.81
N ASP A 212 -10.07 -3.74 -15.69
CA ASP A 212 -9.48 -3.78 -17.00
C ASP A 212 -10.35 -4.66 -17.90
N GLU A 213 -9.87 -4.90 -19.13
CA GLU A 213 -10.64 -5.62 -20.15
C GLU A 213 -10.96 -7.06 -19.78
N VAL A 214 -10.18 -7.66 -18.88
CA VAL A 214 -10.32 -9.07 -18.54
C VAL A 214 -10.91 -9.29 -17.14
N THR A 215 -11.34 -8.21 -16.50
CA THR A 215 -11.86 -8.29 -15.15
C THR A 215 -13.24 -7.64 -15.06
N ALA A 216 -14.21 -8.38 -14.56
CA ALA A 216 -15.58 -7.87 -14.42
C ALA A 216 -15.74 -6.93 -13.20
N PRO A 217 -16.81 -6.12 -13.20
CA PRO A 217 -17.19 -5.40 -11.98
C PRO A 217 -17.58 -6.38 -10.86
N CYS A 218 -17.67 -5.89 -9.63
CA CYS A 218 -18.05 -6.75 -8.50
C CYS A 218 -19.53 -7.13 -8.58
N SER A 219 -19.89 -8.21 -7.87
CA SER A 219 -21.25 -8.74 -7.89
C SER A 219 -22.17 -7.85 -7.06
N CYS A 220 -23.49 -8.01 -7.26
CA CYS A 220 -24.48 -7.28 -6.49
C CYS A 220 -24.30 -7.52 -4.99
N GLN A 221 -23.95 -8.75 -4.63
CA GLN A 221 -23.72 -9.17 -3.24
C GLN A 221 -22.65 -8.32 -2.52
N ASP A 222 -21.64 -7.88 -3.27
CA ASP A 222 -20.49 -7.17 -2.70
C ASP A 222 -20.50 -5.67 -3.01
N CYS A 223 -21.52 -5.22 -3.73
CA CYS A 223 -21.54 -3.89 -4.32
C CYS A 223 -22.96 -3.46 -4.64
N SER A 224 -23.59 -2.70 -3.74
CA SER A 224 -25.02 -2.42 -3.87
C SER A 224 -25.40 -1.59 -5.11
N ILE A 225 -24.44 -0.88 -5.70
CA ILE A 225 -24.66 -0.11 -6.94
C ILE A 225 -25.11 -0.98 -8.14
N VAL A 226 -24.50 -2.15 -8.30
CA VAL A 226 -24.80 -3.02 -9.45
C VAL A 226 -26.08 -3.84 -9.33
N CYS A 227 -26.76 -3.78 -8.18
CA CYS A 227 -27.98 -4.57 -7.96
C CYS A 227 -29.16 -4.07 -8.79
#